data_4QCC
#
_entry.id   4QCC
#
_cell.length_a   272.680
_cell.length_b   272.680
_cell.length_c   272.680
_cell.angle_alpha   90.000
_cell.angle_beta   90.000
_cell.angle_gamma   90.000
#
_symmetry.space_group_name_H-M   'F 2 3'
#
_entity_poly.entity_id   1
_entity_poly.type   'polypeptide(L)'
_entity_poly.pdbx_seq_one_letter_code
;MQWQTKLPLIAILRGITPDEALAHVGAVIDAGFDAVEIPLNSPQWEQSIPAIVDAYGDKALIGAGTVLKPEQVDALARMG
CQLIVTPNIHSEVIRRAVGYGMTVCPGCATATEAFTALEAGAQALKIFPSSAFGPQYIKALKAVLPSDIAVFAVGGVTPE
NLAQWIDAGCAGAGLGSDLYRAGQSVERTAQQAAAFVKAYREAQKQKEQRQDQKSAYALGASLGRYMENSLKEQEKLGIK
LDKDQLIAGVQDAFADKSKLSDQEIEQTLQAFEARVKSSAQAKLEHHHHHH
;
_entity_poly.pdbx_strand_id   A,B
#
# COMPACT_ATOMS: atom_id res chain seq x y z
N THR A 5 1.61 -41.15 7.57
CA THR A 5 3.09 -41.41 7.56
C THR A 5 3.84 -40.15 7.08
N LYS A 6 5.00 -39.89 7.70
CA LYS A 6 5.79 -38.65 7.48
C LYS A 6 5.85 -38.21 6.01
N LEU A 7 6.54 -38.99 5.18
CA LEU A 7 6.59 -38.73 3.73
C LEU A 7 5.58 -39.63 3.00
N PRO A 8 4.70 -39.03 2.19
CA PRO A 8 3.59 -39.69 1.52
C PRO A 8 3.98 -40.40 0.22
N LEU A 9 5.08 -41.14 0.24
CA LEU A 9 5.51 -41.87 -0.94
C LEU A 9 5.53 -43.36 -0.63
N ILE A 10 4.97 -44.15 -1.54
CA ILE A 10 4.95 -45.59 -1.37
C ILE A 10 5.93 -46.18 -2.36
N ALA A 11 6.89 -46.93 -1.82
CA ALA A 11 7.83 -47.70 -2.61
C ALA A 11 7.17 -49.02 -3.01
N ILE A 12 7.05 -49.25 -4.30
CA ILE A 12 6.42 -50.48 -4.79
C ILE A 12 7.48 -51.33 -5.47
N LEU A 13 7.77 -52.49 -4.88
CA LEU A 13 8.89 -53.31 -5.35
C LEU A 13 8.39 -54.59 -6.06
N ARG A 14 7.83 -54.42 -7.25
CA ARG A 14 7.22 -55.52 -7.98
C ARG A 14 8.31 -56.46 -8.51
N GLY A 15 8.19 -57.75 -8.21
CA GLY A 15 9.09 -58.77 -8.76
C GLY A 15 10.37 -58.96 -7.96
N ILE A 16 10.50 -58.26 -6.84
CA ILE A 16 11.61 -58.49 -5.92
C ILE A 16 11.54 -59.91 -5.33
N THR A 17 12.72 -60.52 -5.13
CA THR A 17 12.83 -61.86 -4.57
C THR A 17 13.19 -61.80 -3.08
N PRO A 18 12.89 -62.89 -2.33
CA PRO A 18 13.21 -62.93 -0.91
C PRO A 18 14.66 -62.59 -0.54
N ASP A 19 15.64 -63.06 -1.32
CA ASP A 19 17.05 -62.83 -0.99
C ASP A 19 17.48 -61.37 -1.18
N GLU A 20 16.70 -60.60 -1.93
CA GLU A 20 17.09 -59.20 -2.13
C GLU A 20 16.18 -58.22 -1.38
N ALA A 21 15.07 -58.72 -0.83
CA ALA A 21 14.08 -57.86 -0.19
C ALA A 21 14.66 -56.94 0.90
N LEU A 22 15.46 -57.50 1.81
CA LEU A 22 15.96 -56.72 2.96
C LEU A 22 16.85 -55.55 2.56
N ALA A 23 17.72 -55.78 1.58
CA ALA A 23 18.67 -54.76 1.12
C ALA A 23 17.97 -53.63 0.39
N HIS A 24 17.06 -53.96 -0.51
CA HIS A 24 16.36 -52.94 -1.29
C HIS A 24 15.40 -52.12 -0.42
N VAL A 25 14.76 -52.78 0.53
CA VAL A 25 13.86 -52.09 1.44
C VAL A 25 14.68 -51.17 2.34
N GLY A 26 15.82 -51.66 2.82
CA GLY A 26 16.71 -50.85 3.66
C GLY A 26 17.20 -49.63 2.92
N ALA A 27 17.44 -49.79 1.61
CA ALA A 27 17.83 -48.67 0.76
C ALA A 27 16.76 -47.59 0.76
N VAL A 28 15.52 -47.97 0.43
CA VAL A 28 14.44 -46.97 0.29
C VAL A 28 14.16 -46.27 1.62
N ILE A 29 14.18 -47.03 2.73
CA ILE A 29 13.91 -46.47 4.05
C ILE A 29 15.02 -45.51 4.44
N ASP A 30 16.27 -45.91 4.20
CA ASP A 30 17.43 -45.06 4.51
C ASP A 30 17.40 -43.71 3.79
N ALA A 31 16.76 -43.69 2.63
CA ALA A 31 16.68 -42.49 1.79
C ALA A 31 15.53 -41.58 2.19
N GLY A 32 14.56 -42.12 2.91
CA GLY A 32 13.49 -41.31 3.50
C GLY A 32 12.09 -41.86 3.39
N PHE A 33 11.94 -42.98 2.69
CA PHE A 33 10.61 -43.59 2.55
C PHE A 33 10.15 -44.15 3.88
N ASP A 34 8.85 -44.05 4.14
CA ASP A 34 8.26 -44.76 5.29
C ASP A 34 6.95 -45.45 4.93
N ALA A 35 6.81 -45.80 3.64
CA ALA A 35 5.82 -46.78 3.23
C ALA A 35 6.38 -47.59 2.06
N VAL A 36 6.24 -48.90 2.19
CA VAL A 36 6.80 -49.87 1.26
C VAL A 36 5.80 -50.99 1.12
N GLU A 37 5.65 -51.49 -0.09
CA GLU A 37 4.80 -52.64 -0.34
C GLU A 37 5.42 -53.55 -1.40
N ILE A 38 5.14 -54.83 -1.27
CA ILE A 38 5.56 -55.84 -2.21
C ILE A 38 4.30 -56.41 -2.86
N PRO A 39 4.14 -56.23 -4.19
CA PRO A 39 3.04 -56.84 -4.92
C PRO A 39 3.01 -58.38 -4.83
N LEU A 40 1.80 -58.94 -4.75
CA LEU A 40 1.61 -60.38 -4.59
C LEU A 40 1.90 -61.14 -5.87
N ASN A 41 2.14 -60.44 -6.98
CA ASN A 41 2.68 -61.12 -8.16
C ASN A 41 4.22 -61.12 -8.22
N SER A 42 4.84 -60.78 -7.08
CA SER A 42 6.29 -60.99 -6.87
C SER A 42 6.58 -62.43 -6.46
N PRO A 43 7.71 -62.99 -6.91
CA PRO A 43 7.98 -64.39 -6.57
C PRO A 43 8.26 -64.62 -5.08
N GLN A 44 7.59 -65.63 -4.52
CA GLN A 44 7.75 -66.00 -3.12
C GLN A 44 7.53 -64.81 -2.16
N TRP A 45 6.47 -64.04 -2.43
CA TRP A 45 6.10 -62.91 -1.59
C TRP A 45 5.81 -63.31 -0.14
N GLU A 46 5.36 -64.55 0.08
CA GLU A 46 5.06 -65.00 1.44
C GLU A 46 6.31 -65.30 2.24
N GLN A 47 7.47 -65.19 1.60
CA GLN A 47 8.77 -65.18 2.28
C GLN A 47 9.26 -63.75 2.50
N SER A 48 9.17 -62.93 1.46
CA SER A 48 9.69 -61.57 1.50
C SER A 48 8.93 -60.68 2.48
N ILE A 49 7.61 -60.74 2.41
CA ILE A 49 6.78 -59.82 3.21
C ILE A 49 6.98 -59.99 4.73
N PRO A 50 6.77 -61.21 5.26
CA PRO A 50 6.99 -61.34 6.71
C PRO A 50 8.42 -60.97 7.16
N ALA A 51 9.41 -61.20 6.30
CA ALA A 51 10.78 -60.80 6.57
C ALA A 51 10.92 -59.28 6.75
N ILE A 52 10.25 -58.52 5.89
CA ILE A 52 10.38 -57.06 5.88
C ILE A 52 9.57 -56.43 6.99
N VAL A 53 8.43 -57.04 7.31
CA VAL A 53 7.66 -56.67 8.50
C VAL A 53 8.52 -56.77 9.75
N ASP A 54 9.32 -57.83 9.81
CA ASP A 54 10.08 -58.09 11.01
C ASP A 54 11.32 -57.20 11.13
N ALA A 55 12.00 -56.99 10.00
CA ALA A 55 13.17 -56.12 9.98
C ALA A 55 12.81 -54.62 10.03
N TYR A 56 11.70 -54.24 9.39
CA TYR A 56 11.41 -52.82 9.15
C TYR A 56 10.03 -52.34 9.61
N GLY A 57 9.17 -53.26 10.09
CA GLY A 57 7.79 -52.93 10.47
C GLY A 57 7.60 -51.79 11.46
N ASP A 58 8.63 -51.55 12.25
CA ASP A 58 8.65 -50.48 13.25
C ASP A 58 9.43 -49.26 12.75
N LYS A 59 9.89 -49.29 11.50
CA LYS A 59 10.59 -48.17 10.90
C LYS A 59 9.81 -47.57 9.74
N ALA A 60 8.84 -48.31 9.19
CA ALA A 60 8.07 -47.90 8.00
C ALA A 60 6.74 -48.63 7.93
N LEU A 61 5.80 -48.04 7.18
CA LEU A 61 4.54 -48.70 6.92
C LEU A 61 4.79 -49.82 5.91
N ILE A 62 4.67 -51.06 6.36
CA ILE A 62 5.03 -52.20 5.52
C ILE A 62 3.76 -52.94 5.07
N GLY A 63 3.70 -53.27 3.79
CA GLY A 63 2.58 -54.04 3.30
C GLY A 63 2.70 -54.65 1.92
N ALA A 64 1.55 -54.86 1.31
CA ALA A 64 1.48 -55.65 0.08
C ALA A 64 0.67 -54.94 -0.98
N GLY A 65 0.96 -55.26 -2.24
CA GLY A 65 0.22 -54.72 -3.37
C GLY A 65 -0.42 -55.83 -4.15
N THR A 66 -1.21 -55.44 -5.16
CA THR A 66 -1.88 -56.38 -6.07
C THR A 66 -2.65 -57.45 -5.26
N VAL A 67 -3.35 -56.97 -4.26
CA VAL A 67 -4.12 -57.80 -3.34
C VAL A 67 -5.54 -57.93 -3.91
N LEU A 68 -5.85 -59.11 -4.44
CA LEU A 68 -7.03 -59.31 -5.29
C LEU A 68 -8.11 -60.19 -4.66
N LYS A 69 -7.75 -60.92 -3.61
CA LYS A 69 -8.67 -61.88 -2.98
C LYS A 69 -8.77 -61.68 -1.48
N PRO A 70 -9.99 -61.73 -0.92
CA PRO A 70 -10.19 -61.62 0.52
C PRO A 70 -9.24 -62.51 1.33
N GLU A 71 -9.07 -63.76 0.92
CA GLU A 71 -8.20 -64.73 1.62
C GLU A 71 -6.71 -64.34 1.67
N GLN A 72 -6.28 -63.50 0.74
CA GLN A 72 -4.91 -62.96 0.77
C GLN A 72 -4.76 -61.96 1.91
N VAL A 73 -5.77 -61.12 2.10
CA VAL A 73 -5.82 -60.18 3.22
C VAL A 73 -5.66 -60.92 4.56
N ASP A 74 -6.40 -62.02 4.74
CA ASP A 74 -6.26 -62.86 5.94
C ASP A 74 -4.83 -63.33 6.16
N ALA A 75 -4.21 -63.87 5.11
CA ALA A 75 -2.85 -64.37 5.19
C ALA A 75 -1.88 -63.25 5.52
N LEU A 76 -2.09 -62.07 4.93
CA LEU A 76 -1.20 -60.91 5.08
C LEU A 76 -1.29 -60.32 6.49
N ALA A 77 -2.49 -60.33 7.06
CA ALA A 77 -2.71 -59.91 8.45
C ALA A 77 -1.87 -60.72 9.41
N ARG A 78 -1.95 -62.04 9.25
CA ARG A 78 -1.16 -62.94 10.06
C ARG A 78 0.35 -62.68 9.92
N MET A 79 0.79 -62.38 8.70
CA MET A 79 2.19 -61.98 8.45
C MET A 79 2.61 -60.65 9.08
N GLY A 80 1.64 -59.86 9.59
CA GLY A 80 1.94 -58.55 10.17
C GLY A 80 1.96 -57.39 9.17
N CYS A 81 1.30 -57.59 8.03
CA CYS A 81 1.10 -56.52 7.03
C CYS A 81 0.31 -55.39 7.66
N GLN A 82 0.71 -54.13 7.41
CA GLN A 82 0.01 -52.98 7.98
C GLN A 82 -0.70 -52.20 6.88
N LEU A 83 -0.35 -52.54 5.64
CA LEU A 83 -0.75 -51.77 4.48
C LEU A 83 -1.21 -52.68 3.33
N ILE A 84 -2.38 -52.38 2.79
CA ILE A 84 -2.94 -53.11 1.65
C ILE A 84 -3.12 -52.13 0.48
N VAL A 85 -2.42 -52.40 -0.62
CA VAL A 85 -2.56 -51.64 -1.88
C VAL A 85 -3.09 -52.59 -2.94
N THR A 86 -3.98 -52.08 -3.80
CA THR A 86 -4.63 -52.87 -4.84
C THR A 86 -4.59 -52.12 -6.18
N PRO A 87 -4.73 -52.85 -7.29
CA PRO A 87 -4.92 -52.16 -8.57
C PRO A 87 -6.38 -51.85 -8.87
N ASN A 88 -7.29 -52.46 -8.11
CA ASN A 88 -8.71 -52.37 -8.39
C ASN A 88 -9.55 -52.17 -7.13
N ILE A 89 -10.82 -51.85 -7.34
CA ILE A 89 -11.76 -51.77 -6.23
C ILE A 89 -12.56 -53.07 -6.11
N HIS A 90 -12.37 -53.75 -4.98
CA HIS A 90 -13.06 -54.99 -4.67
C HIS A 90 -13.51 -54.81 -3.21
N SER A 91 -14.82 -54.61 -3.03
CA SER A 91 -15.37 -54.12 -1.76
C SER A 91 -14.99 -54.96 -0.52
N GLU A 92 -15.02 -56.28 -0.66
CA GLU A 92 -14.72 -57.17 0.47
C GLU A 92 -13.24 -57.20 0.82
N VAL A 93 -12.39 -57.02 -0.18
CA VAL A 93 -10.97 -56.88 0.09
C VAL A 93 -10.77 -55.65 0.97
N ILE A 94 -11.36 -54.52 0.55
CA ILE A 94 -11.21 -53.29 1.31
C ILE A 94 -11.82 -53.44 2.70
N ARG A 95 -13.04 -53.96 2.77
CA ARG A 95 -13.73 -54.11 4.05
C ARG A 95 -12.93 -55.03 4.99
N ARG A 96 -12.40 -56.11 4.43
CA ARG A 96 -11.66 -57.07 5.24
C ARG A 96 -10.37 -56.45 5.76
N ALA A 97 -9.62 -55.78 4.90
CA ALA A 97 -8.38 -55.12 5.32
C ALA A 97 -8.64 -54.04 6.37
N VAL A 98 -9.66 -53.22 6.14
CA VAL A 98 -10.11 -52.24 7.14
C VAL A 98 -10.43 -52.96 8.45
N GLY A 99 -11.14 -54.09 8.36
CA GLY A 99 -11.51 -54.90 9.51
C GLY A 99 -10.34 -55.37 10.37
N TYR A 100 -9.14 -55.41 9.81
CA TYR A 100 -7.93 -55.76 10.56
C TYR A 100 -7.21 -54.53 11.13
N GLY A 101 -7.78 -53.35 10.91
CA GLY A 101 -7.12 -52.09 11.27
C GLY A 101 -5.93 -51.74 10.39
N MET A 102 -5.84 -52.37 9.22
CA MET A 102 -4.77 -52.09 8.28
C MET A 102 -5.12 -50.85 7.49
N THR A 103 -4.07 -50.17 7.02
CA THR A 103 -4.23 -49.04 6.12
C THR A 103 -4.46 -49.58 4.70
N VAL A 104 -5.55 -49.15 4.07
CA VAL A 104 -5.88 -49.60 2.72
C VAL A 104 -5.79 -48.41 1.78
N CYS A 105 -5.11 -48.62 0.65
CA CYS A 105 -5.06 -47.64 -0.43
C CYS A 105 -5.42 -48.35 -1.72
N PRO A 106 -6.72 -48.52 -1.97
CA PRO A 106 -7.12 -49.28 -3.13
C PRO A 106 -7.16 -48.45 -4.42
N GLY A 107 -7.03 -49.14 -5.56
CA GLY A 107 -6.91 -48.53 -6.87
C GLY A 107 -8.20 -48.42 -7.64
N CYS A 108 -8.51 -47.20 -8.07
CA CYS A 108 -9.69 -46.92 -8.86
C CYS A 108 -9.28 -46.04 -10.03
N ALA A 109 -10.15 -45.90 -11.01
CA ALA A 109 -9.81 -45.10 -12.17
C ALA A 109 -10.94 -44.15 -12.61
N THR A 110 -12.10 -44.29 -11.98
CA THR A 110 -13.26 -43.47 -12.33
C THR A 110 -13.90 -42.95 -11.05
N ALA A 111 -14.74 -41.92 -11.20
CA ALA A 111 -15.51 -41.39 -10.09
C ALA A 111 -16.34 -42.50 -9.41
N THR A 112 -17.08 -43.25 -10.21
CA THR A 112 -17.96 -44.31 -9.70
C THR A 112 -17.18 -45.31 -8.83
N GLU A 113 -16.02 -45.75 -9.33
CA GLU A 113 -15.17 -46.66 -8.60
C GLU A 113 -14.63 -46.05 -7.32
N ALA A 114 -14.30 -44.77 -7.33
CA ALA A 114 -13.79 -44.11 -6.11
C ALA A 114 -14.83 -44.12 -4.98
N PHE A 115 -16.08 -43.80 -5.31
CA PHE A 115 -17.14 -43.78 -4.31
C PHE A 115 -17.54 -45.15 -3.81
N THR A 116 -17.39 -46.17 -4.65
CA THR A 116 -17.51 -47.54 -4.18
C THR A 116 -16.44 -47.87 -3.14
N ALA A 117 -15.21 -47.42 -3.38
CA ALA A 117 -14.10 -47.72 -2.48
C ALA A 117 -14.30 -47.02 -1.13
N LEU A 118 -14.75 -45.77 -1.17
CA LEU A 118 -15.07 -45.05 0.05
C LEU A 118 -16.16 -45.74 0.86
N GLU A 119 -17.18 -46.25 0.17
CA GLU A 119 -18.29 -46.95 0.84
C GLU A 119 -17.87 -48.27 1.47
N ALA A 120 -16.76 -48.81 0.98
CA ALA A 120 -16.16 -50.01 1.54
C ALA A 120 -15.26 -49.69 2.74
N GLY A 121 -15.08 -48.41 3.02
CA GLY A 121 -14.31 -47.94 4.17
C GLY A 121 -12.92 -47.40 3.87
N ALA A 122 -12.56 -47.31 2.59
CA ALA A 122 -11.25 -46.76 2.22
C ALA A 122 -11.11 -45.30 2.70
N GLN A 123 -9.93 -44.99 3.24
CA GLN A 123 -9.64 -43.68 3.82
C GLN A 123 -8.69 -42.91 2.90
N ALA A 124 -8.20 -43.62 1.88
CA ALA A 124 -7.25 -43.09 0.91
C ALA A 124 -7.55 -43.75 -0.44
N LEU A 125 -7.18 -43.11 -1.55
CA LEU A 125 -7.40 -43.69 -2.88
C LEU A 125 -6.14 -43.66 -3.74
N LYS A 126 -5.97 -44.71 -4.54
CA LYS A 126 -4.89 -44.81 -5.52
C LYS A 126 -5.57 -44.60 -6.86
N ILE A 127 -5.09 -43.64 -7.65
CA ILE A 127 -5.60 -43.52 -9.02
C ILE A 127 -4.62 -44.29 -9.90
N PHE A 128 -5.11 -45.35 -10.51
CA PHE A 128 -4.24 -46.22 -11.27
C PHE A 128 -4.85 -46.68 -12.59
N PRO A 129 -4.08 -46.56 -13.68
CA PRO A 129 -2.80 -45.86 -13.83
C PRO A 129 -2.99 -44.37 -14.10
N SER A 130 -2.34 -43.53 -13.31
CA SER A 130 -2.52 -42.07 -13.38
C SER A 130 -2.04 -41.44 -14.69
N SER A 131 -1.03 -42.07 -15.30
CA SER A 131 -0.36 -41.54 -16.49
C SER A 131 -1.26 -41.30 -17.69
N ALA A 132 -2.23 -42.20 -17.88
CA ALA A 132 -3.19 -42.10 -18.96
C ALA A 132 -4.11 -40.90 -18.76
N PHE A 133 -4.42 -40.61 -17.49
CA PHE A 133 -5.40 -39.58 -17.16
C PHE A 133 -4.77 -38.21 -17.00
N GLY A 134 -3.66 -38.15 -16.27
CA GLY A 134 -2.96 -36.89 -16.05
C GLY A 134 -3.37 -36.21 -14.75
N PRO A 135 -2.56 -35.22 -14.31
CA PRO A 135 -2.81 -34.48 -13.08
C PRO A 135 -4.19 -33.85 -13.04
N GLN A 136 -4.66 -33.35 -14.18
CA GLN A 136 -5.95 -32.67 -14.28
C GLN A 136 -7.12 -33.60 -13.95
N TYR A 137 -6.94 -34.89 -14.22
CA TYR A 137 -7.97 -35.87 -13.91
C TYR A 137 -8.22 -35.89 -12.42
N ILE A 138 -7.14 -35.97 -11.65
CA ILE A 138 -7.20 -35.96 -10.19
C ILE A 138 -7.82 -34.65 -9.69
N LYS A 139 -7.36 -33.52 -10.23
CA LYS A 139 -7.93 -32.21 -9.89
C LYS A 139 -9.44 -32.24 -10.08
N ALA A 140 -9.89 -32.83 -11.18
CA ALA A 140 -11.31 -32.95 -11.45
C ALA A 140 -11.99 -33.89 -10.44
N LEU A 141 -11.32 -34.97 -10.08
CA LEU A 141 -11.91 -35.89 -9.12
C LEU A 141 -11.99 -35.26 -7.73
N LYS A 142 -10.96 -34.51 -7.37
CA LYS A 142 -10.92 -33.83 -6.08
C LYS A 142 -12.03 -32.79 -5.90
N ALA A 143 -12.64 -32.34 -6.97
CA ALA A 143 -13.74 -31.41 -6.84
C ALA A 143 -15.03 -32.09 -6.36
N VAL A 144 -15.08 -33.42 -6.48
CA VAL A 144 -16.24 -34.17 -5.96
C VAL A 144 -15.94 -35.07 -4.74
N LEU A 145 -14.69 -35.47 -4.54
CA LEU A 145 -14.31 -36.29 -3.41
C LEU A 145 -14.40 -35.52 -2.09
N PRO A 146 -14.71 -36.23 -0.98
CA PRO A 146 -14.67 -35.60 0.34
C PRO A 146 -13.30 -35.00 0.59
N SER A 147 -13.25 -33.84 1.24
CA SER A 147 -12.02 -33.06 1.39
C SER A 147 -10.84 -33.82 2.02
N ASP A 148 -11.14 -34.70 2.98
CA ASP A 148 -10.09 -35.40 3.76
C ASP A 148 -9.64 -36.74 3.18
N ILE A 149 -10.08 -37.07 1.98
CA ILE A 149 -9.61 -38.29 1.34
C ILE A 149 -8.29 -38.00 0.64
N ALA A 150 -7.27 -38.75 1.03
CA ALA A 150 -5.94 -38.63 0.43
C ALA A 150 -5.87 -39.38 -0.88
N VAL A 151 -5.46 -38.68 -1.94
CA VAL A 151 -5.34 -39.30 -3.26
C VAL A 151 -3.88 -39.49 -3.67
N PHE A 152 -3.58 -40.70 -4.09
CA PHE A 152 -2.23 -41.09 -4.49
C PHE A 152 -2.18 -41.37 -5.98
N ALA A 153 -1.32 -40.65 -6.70
CA ALA A 153 -1.04 -40.98 -8.09
C ALA A 153 -0.14 -42.22 -8.15
N VAL A 154 -0.52 -43.20 -8.96
CA VAL A 154 0.30 -44.39 -9.22
C VAL A 154 0.23 -44.72 -10.69
N GLY A 155 1.39 -44.76 -11.35
CA GLY A 155 1.47 -45.14 -12.75
C GLY A 155 2.10 -44.03 -13.55
N GLY A 156 3.34 -44.24 -13.96
CA GLY A 156 4.11 -43.25 -14.72
C GLY A 156 4.43 -41.96 -13.97
N VAL A 157 4.62 -42.06 -12.66
CA VAL A 157 5.09 -40.93 -11.84
C VAL A 157 6.62 -40.98 -11.77
N THR A 158 7.26 -39.85 -12.05
CA THR A 158 8.71 -39.71 -12.09
C THR A 158 9.16 -38.60 -11.14
N PRO A 159 10.45 -38.58 -10.76
CA PRO A 159 10.92 -37.50 -9.88
C PRO A 159 10.77 -36.15 -10.56
N GLU A 160 10.71 -36.17 -11.89
CA GLU A 160 10.57 -34.95 -12.68
C GLU A 160 9.13 -34.43 -12.70
N ASN A 161 8.15 -35.33 -12.79
CA ASN A 161 6.74 -34.94 -12.87
C ASN A 161 5.99 -34.97 -11.52
N LEU A 162 6.64 -35.47 -10.48
CA LEU A 162 6.03 -35.59 -9.16
C LEU A 162 5.39 -34.27 -8.73
N ALA A 163 6.10 -33.17 -8.96
CA ALA A 163 5.61 -31.83 -8.64
C ALA A 163 4.18 -31.62 -9.16
N GLN A 164 3.93 -32.00 -10.41
CA GLN A 164 2.65 -31.73 -11.05
C GLN A 164 1.50 -32.55 -10.45
N TRP A 165 1.80 -33.71 -9.91
CA TRP A 165 0.80 -34.52 -9.21
C TRP A 165 0.45 -33.90 -7.88
N ILE A 166 1.46 -33.46 -7.15
CA ILE A 166 1.26 -32.79 -5.86
C ILE A 166 0.48 -31.47 -6.03
N ASP A 167 0.79 -30.73 -7.09
CA ASP A 167 0.11 -29.46 -7.45
C ASP A 167 -1.37 -29.70 -7.75
N ALA A 168 -1.63 -30.79 -8.46
CA ALA A 168 -2.99 -31.18 -8.85
C ALA A 168 -3.88 -31.63 -7.69
N GLY A 169 -3.27 -31.96 -6.55
CA GLY A 169 -4.03 -32.27 -5.34
C GLY A 169 -3.74 -33.63 -4.74
N CYS A 170 -2.77 -34.35 -5.31
CA CYS A 170 -2.36 -35.63 -4.75
C CYS A 170 -1.70 -35.43 -3.41
N ALA A 171 -2.08 -36.24 -2.43
CA ALA A 171 -1.42 -36.22 -1.14
C ALA A 171 -0.05 -36.87 -1.25
N GLY A 172 0.09 -37.80 -2.21
CA GLY A 172 1.36 -38.44 -2.49
C GLY A 172 1.33 -39.37 -3.69
N ALA A 173 2.30 -40.27 -3.77
CA ALA A 173 2.40 -41.16 -4.93
C ALA A 173 2.96 -42.52 -4.59
N GLY A 174 2.50 -43.52 -5.33
CA GLY A 174 3.08 -44.85 -5.30
C GLY A 174 4.00 -44.99 -6.49
N LEU A 175 5.23 -45.41 -6.24
CA LEU A 175 6.25 -45.48 -7.28
C LEU A 175 6.71 -46.92 -7.55
N GLY A 176 6.52 -47.36 -8.79
CA GLY A 176 6.80 -48.72 -9.17
C GLY A 176 8.05 -48.85 -10.00
N SER A 177 7.86 -49.14 -11.28
CA SER A 177 8.95 -49.39 -12.22
C SER A 177 10.01 -48.28 -12.29
N ASP A 178 9.60 -47.04 -12.00
CA ASP A 178 10.51 -45.89 -12.08
C ASP A 178 11.41 -45.82 -10.86
N LEU A 179 11.01 -46.55 -9.82
CA LEU A 179 11.81 -46.68 -8.61
C LEU A 179 12.55 -48.03 -8.56
N TYR A 180 11.80 -49.10 -8.81
CA TYR A 180 12.35 -50.46 -8.77
C TYR A 180 11.80 -51.28 -9.93
N ARG A 181 12.71 -51.84 -10.73
CA ARG A 181 12.38 -52.89 -11.68
C ARG A 181 13.13 -54.15 -11.26
N ALA A 182 12.47 -55.30 -11.38
CA ALA A 182 13.02 -56.58 -10.94
C ALA A 182 14.40 -56.84 -11.54
N GLY A 183 15.41 -56.95 -10.68
CA GLY A 183 16.76 -57.27 -11.11
C GLY A 183 17.73 -56.11 -11.20
N GLN A 184 17.28 -54.91 -10.84
CA GLN A 184 18.19 -53.75 -10.72
C GLN A 184 19.01 -53.84 -9.43
N SER A 185 20.12 -53.12 -9.39
CA SER A 185 21.03 -53.15 -8.24
C SER A 185 20.45 -52.39 -7.04
N VAL A 186 20.90 -52.76 -5.84
CA VAL A 186 20.59 -52.03 -4.60
C VAL A 186 21.01 -50.57 -4.73
N GLU A 187 22.13 -50.33 -5.42
CA GLU A 187 22.60 -48.97 -5.63
C GLU A 187 21.61 -48.16 -6.47
N ARG A 188 21.00 -48.79 -7.48
CA ARG A 188 19.97 -48.12 -8.29
C ARG A 188 18.72 -47.77 -7.47
N THR A 189 18.34 -48.65 -6.56
CA THR A 189 17.21 -48.42 -5.66
C THR A 189 17.47 -47.23 -4.74
N ALA A 190 18.67 -47.16 -4.17
CA ALA A 190 19.07 -46.03 -3.33
C ALA A 190 19.11 -44.71 -4.12
N GLN A 191 19.55 -44.78 -5.38
CA GLN A 191 19.60 -43.62 -6.29
C GLN A 191 18.20 -43.10 -6.63
N GLN A 192 17.32 -44.00 -7.09
CA GLN A 192 15.97 -43.57 -7.46
C GLN A 192 15.18 -43.07 -6.25
N ALA A 193 15.36 -43.73 -5.09
CA ALA A 193 14.64 -43.35 -3.86
C ALA A 193 15.10 -41.98 -3.35
N ALA A 194 16.40 -41.72 -3.46
CA ALA A 194 16.96 -40.41 -3.16
C ALA A 194 16.36 -39.34 -4.09
N ALA A 195 16.26 -39.65 -5.37
CA ALA A 195 15.69 -38.72 -6.35
C ALA A 195 14.24 -38.35 -6.03
N PHE A 196 13.43 -39.35 -5.71
CA PHE A 196 12.01 -39.12 -5.38
C PHE A 196 11.83 -38.32 -4.09
N VAL A 197 12.61 -38.64 -3.06
CA VAL A 197 12.54 -37.90 -1.79
C VAL A 197 12.93 -36.42 -2.01
N LYS A 198 14.00 -36.21 -2.78
CA LYS A 198 14.47 -34.88 -3.16
C LYS A 198 13.39 -34.12 -3.94
N ALA A 199 12.85 -34.77 -4.97
CA ALA A 199 11.76 -34.21 -5.78
C ALA A 199 10.53 -33.84 -4.96
N TYR A 200 10.15 -34.73 -4.02
CA TYR A 200 9.01 -34.43 -3.13
C TYR A 200 9.26 -33.22 -2.24
N ARG A 201 10.38 -33.28 -1.53
CA ARG A 201 10.79 -32.25 -0.57
C ARG A 201 11.12 -30.94 -1.27
N GLU A 202 11.83 -31.02 -2.39
CA GLU A 202 12.06 -29.82 -3.19
C GLU A 202 10.74 -29.31 -3.75
N ALA A 203 9.97 -30.23 -4.32
CA ALA A 203 8.68 -29.87 -4.91
C ALA A 203 7.71 -29.39 -3.85
N GLN A 204 7.69 -30.08 -2.71
CA GLN A 204 6.81 -29.72 -1.61
C GLN A 204 7.21 -28.35 -1.11
N LYS A 205 8.52 -28.11 -1.03
CA LYS A 205 9.03 -26.85 -0.56
C LYS A 205 8.60 -25.73 -1.50
N GLN A 206 8.68 -26.01 -2.80
CA GLN A 206 8.29 -25.03 -3.80
C GLN A 206 6.81 -24.71 -3.64
N LYS A 207 6.00 -25.74 -3.41
CA LYS A 207 4.57 -25.54 -3.25
C LYS A 207 4.28 -24.69 -2.03
N GLU A 208 5.00 -24.96 -0.94
CA GLU A 208 4.82 -24.20 0.29
C GLU A 208 5.21 -22.74 0.06
N GLN A 209 6.29 -22.53 -0.66
CA GLN A 209 6.75 -21.19 -0.95
C GLN A 209 5.71 -20.46 -1.77
N ARG A 210 5.12 -21.17 -2.74
CA ARG A 210 4.09 -20.58 -3.59
C ARG A 210 2.89 -20.18 -2.74
N GLN A 211 2.52 -21.05 -1.79
CA GLN A 211 1.40 -20.76 -0.92
C GLN A 211 1.68 -19.53 -0.07
N ASP A 212 2.90 -19.43 0.46
CA ASP A 212 3.31 -18.30 1.26
C ASP A 212 3.21 -17.03 0.43
N GLN A 213 3.68 -17.13 -0.80
CA GLN A 213 3.68 -16.00 -1.72
C GLN A 213 2.26 -15.54 -1.97
N LYS A 214 1.37 -16.50 -2.17
CA LYS A 214 -0.02 -16.18 -2.44
C LYS A 214 -0.64 -15.49 -1.23
N SER A 215 -0.32 -15.99 -0.05
CA SER A 215 -0.84 -15.41 1.18
C SER A 215 -0.36 -13.97 1.35
N ALA A 216 0.92 -13.74 1.04
CA ALA A 216 1.47 -12.38 1.08
C ALA A 216 0.77 -11.47 0.12
N TYR A 217 0.55 -12.04 -1.07
CA TYR A 217 0.15 -11.32 -2.25
C TYR A 217 -1.22 -10.65 -2.11
N ALA A 218 -2.19 -11.33 -1.52
CA ALA A 218 -3.53 -10.73 -1.43
C ALA A 218 -3.58 -9.53 -0.49
N LEU A 219 -3.00 -9.71 0.70
CA LEU A 219 -2.78 -8.67 1.68
C LEU A 219 -2.72 -7.30 1.05
N GLY A 220 -1.93 -7.20 -0.02
CA GLY A 220 -1.77 -5.94 -0.73
C GLY A 220 -3.08 -5.48 -1.33
N ALA A 221 -3.75 -6.43 -1.96
CA ALA A 221 -4.97 -6.13 -2.65
C ALA A 221 -5.95 -5.55 -1.66
N SER A 222 -6.03 -6.12 -0.46
CA SER A 222 -7.06 -5.67 0.47
C SER A 222 -6.72 -4.30 0.97
N LEU A 223 -5.44 -4.01 1.09
CA LEU A 223 -5.06 -2.68 1.49
C LEU A 223 -5.24 -1.69 0.34
N GLY A 224 -4.92 -2.10 -0.89
CA GLY A 224 -5.15 -1.27 -2.06
C GLY A 224 -6.62 -0.92 -2.21
N ARG A 225 -7.50 -1.88 -1.96
CA ARG A 225 -8.91 -1.58 -2.07
C ARG A 225 -9.31 -0.65 -0.95
N TYR A 226 -8.75 -0.88 0.24
CA TYR A 226 -9.07 -0.05 1.38
C TYR A 226 -8.79 1.41 1.03
N MET A 227 -7.63 1.64 0.44
CA MET A 227 -7.25 3.00 0.10
C MET A 227 -8.13 3.56 -1.00
N GLU A 228 -8.36 2.76 -2.02
CA GLU A 228 -9.18 3.21 -3.11
C GLU A 228 -10.51 3.69 -2.56
N ASN A 229 -11.09 2.91 -1.67
CA ASN A 229 -12.38 3.30 -1.10
C ASN A 229 -12.33 4.49 -0.19
N SER A 230 -11.19 4.74 0.43
CA SER A 230 -11.05 5.89 1.32
C SER A 230 -10.97 7.17 0.51
N LEU A 231 -10.26 7.06 -0.61
CA LEU A 231 -10.16 8.14 -1.56
C LEU A 231 -11.53 8.56 -2.03
N LYS A 232 -12.34 7.59 -2.47
CA LYS A 232 -13.68 7.90 -2.97
C LYS A 232 -14.48 8.61 -1.88
N GLU A 233 -14.27 8.22 -0.63
CA GLU A 233 -14.88 8.92 0.52
C GLU A 233 -14.38 10.36 0.60
N GLN A 234 -13.07 10.54 0.46
CA GLN A 234 -12.47 11.87 0.49
C GLN A 234 -12.99 12.70 -0.66
N GLU A 235 -13.02 12.12 -1.87
CA GLU A 235 -13.56 12.83 -3.04
C GLU A 235 -14.93 13.47 -2.82
N LYS A 236 -15.80 12.78 -2.10
CA LYS A 236 -17.14 13.32 -1.79
C LYS A 236 -17.09 14.49 -0.79
N LEU A 237 -15.95 14.70 -0.15
CA LEU A 237 -15.78 15.84 0.74
C LEU A 237 -14.98 16.91 0.04
N GLY A 238 -14.81 16.75 -1.27
CA GLY A 238 -14.03 17.69 -2.06
C GLY A 238 -12.51 17.58 -1.94
N ILE A 239 -11.99 16.41 -1.58
CA ILE A 239 -10.54 16.19 -1.51
C ILE A 239 -10.07 15.16 -2.54
N LYS A 240 -9.15 15.55 -3.41
CA LYS A 240 -8.68 14.67 -4.48
C LYS A 240 -7.18 14.46 -4.38
N LEU A 241 -6.79 13.31 -3.87
CA LEU A 241 -5.39 13.04 -3.54
C LEU A 241 -4.60 12.58 -4.74
N ASP A 242 -3.35 13.01 -4.82
CA ASP A 242 -2.49 12.64 -5.93
C ASP A 242 -2.21 11.16 -5.73
N LYS A 243 -2.59 10.36 -6.72
CA LYS A 243 -2.53 8.91 -6.61
C LYS A 243 -1.11 8.36 -6.68
N ASP A 244 -0.24 8.95 -7.50
CA ASP A 244 1.12 8.45 -7.65
C ASP A 244 1.91 8.67 -6.36
N GLN A 245 1.59 9.76 -5.68
CA GLN A 245 2.33 10.06 -4.48
C GLN A 245 1.94 9.08 -3.39
N LEU A 246 0.68 8.72 -3.36
CA LEU A 246 0.20 7.78 -2.38
C LEU A 246 0.96 6.45 -2.52
N ILE A 247 1.09 5.98 -3.75
CA ILE A 247 1.83 4.76 -3.97
C ILE A 247 3.31 4.95 -3.66
N ALA A 248 3.84 6.13 -3.98
CA ALA A 248 5.25 6.38 -3.75
C ALA A 248 5.55 6.32 -2.25
N GLY A 249 4.61 6.79 -1.41
CA GLY A 249 4.79 6.70 0.03
C GLY A 249 4.85 5.25 0.49
N VAL A 250 3.92 4.46 0.00
CA VAL A 250 3.90 3.06 0.35
C VAL A 250 5.23 2.44 -0.02
N GLN A 251 5.64 2.61 -1.28
CA GLN A 251 6.91 2.01 -1.68
C GLN A 251 8.12 2.49 -0.87
N ASP A 252 8.28 3.80 -0.74
CA ASP A 252 9.44 4.34 -0.06
C ASP A 252 9.55 3.81 1.37
N ALA A 253 8.45 3.84 2.11
CA ALA A 253 8.46 3.43 3.51
C ALA A 253 8.76 1.96 3.65
N PHE A 254 8.18 1.18 2.75
CA PHE A 254 8.39 -0.23 2.76
C PHE A 254 9.86 -0.53 2.52
N ALA A 255 10.48 0.27 1.66
CA ALA A 255 11.91 0.14 1.34
C ALA A 255 12.84 0.89 2.32
N ASP A 256 12.27 1.47 3.38
CA ASP A 256 13.07 2.22 4.37
C ASP A 256 13.74 3.44 3.78
N LYS A 257 12.96 4.17 3.00
CA LYS A 257 13.45 5.37 2.37
C LYS A 257 12.38 6.45 2.23
N SER A 258 11.46 6.48 3.19
CA SER A 258 10.40 7.47 3.24
C SER A 258 11.03 8.84 3.31
N LYS A 259 10.49 9.79 2.55
CA LYS A 259 11.02 11.14 2.55
C LYS A 259 10.47 11.88 3.75
N LEU A 260 9.52 11.28 4.44
CA LEU A 260 9.02 11.84 5.67
C LEU A 260 9.41 10.98 6.88
N SER A 261 9.77 11.64 7.98
CA SER A 261 10.01 10.96 9.27
C SER A 261 8.70 10.47 9.84
N ASP A 262 8.78 9.53 10.77
CA ASP A 262 7.58 8.95 11.37
C ASP A 262 6.81 10.07 12.06
N GLN A 263 7.53 11.03 12.64
CA GLN A 263 6.82 12.10 13.30
C GLN A 263 6.07 12.94 12.27
N GLU A 264 6.72 13.18 11.13
CA GLU A 264 6.12 14.00 10.10
C GLU A 264 4.84 13.36 9.60
N ILE A 265 4.94 12.06 9.36
CA ILE A 265 3.86 11.30 8.81
C ILE A 265 2.67 11.49 9.74
N GLU A 266 2.94 11.42 11.03
CA GLU A 266 1.89 11.44 12.01
C GLU A 266 1.26 12.82 12.17
N GLN A 267 2.08 13.86 12.06
CA GLN A 267 1.50 15.18 12.22
C GLN A 267 0.78 15.59 10.92
N THR A 268 1.28 15.13 9.78
CA THR A 268 0.59 15.36 8.55
C THR A 268 -0.80 14.70 8.54
N LEU A 269 -0.90 13.46 9.01
CA LEU A 269 -2.20 12.81 8.98
C LEU A 269 -3.14 13.55 9.90
N GLN A 270 -2.66 13.98 11.06
CA GLN A 270 -3.51 14.76 11.95
C GLN A 270 -3.97 16.03 11.25
N ALA A 271 -3.08 16.68 10.53
CA ALA A 271 -3.46 17.90 9.84
C ALA A 271 -4.48 17.58 8.74
N PHE A 272 -4.31 16.43 8.10
CA PHE A 272 -5.24 16.01 7.04
C PHE A 272 -6.62 15.81 7.65
N GLU A 273 -6.68 15.27 8.86
CA GLU A 273 -7.98 15.11 9.47
C GLU A 273 -8.66 16.46 9.54
N ALA A 274 -7.91 17.45 9.98
CA ALA A 274 -8.48 18.76 10.12
C ALA A 274 -8.91 19.27 8.76
N THR B 5 -9.74 40.32 5.51
CA THR B 5 -10.41 40.65 4.22
C THR B 5 -10.24 39.49 3.23
N LYS B 6 -11.29 39.23 2.43
CA LYS B 6 -11.38 38.07 1.52
C LYS B 6 -10.07 37.77 0.78
N LEU B 7 -9.67 38.66 -0.14
CA LEU B 7 -8.38 38.54 -0.84
C LEU B 7 -7.34 39.44 -0.17
N PRO B 8 -6.19 38.87 0.21
CA PRO B 8 -5.13 39.53 0.98
C PRO B 8 -4.19 40.37 0.11
N LEU B 9 -4.74 41.17 -0.79
CA LEU B 9 -3.92 42.03 -1.63
C LEU B 9 -4.29 43.48 -1.38
N ILE B 10 -3.27 44.31 -1.21
CA ILE B 10 -3.51 45.73 -0.99
C ILE B 10 -3.09 46.47 -2.25
N ALA B 11 -4.04 47.22 -2.79
CA ALA B 11 -3.79 48.10 -3.91
C ALA B 11 -3.21 49.42 -3.38
N ILE B 12 -2.02 49.77 -3.83
CA ILE B 12 -1.37 50.99 -3.36
C ILE B 12 -1.29 51.96 -4.53
N LEU B 13 -2.01 53.07 -4.43
CA LEU B 13 -2.13 53.99 -5.56
C LEU B 13 -1.37 55.31 -5.31
N ARG B 14 -0.03 55.21 -5.35
CA ARG B 14 0.83 56.34 -5.02
C ARG B 14 0.76 57.38 -6.14
N GLY B 15 0.47 58.64 -5.78
CA GLY B 15 0.50 59.74 -6.74
C GLY B 15 -0.78 59.94 -7.52
N ILE B 16 -1.80 59.14 -7.20
CA ILE B 16 -3.13 59.35 -7.77
C ILE B 16 -3.71 60.70 -7.33
N THR B 17 -4.45 61.35 -8.24
CA THR B 17 -5.07 62.66 -7.97
C THR B 17 -6.56 62.47 -7.64
N PRO B 18 -7.17 63.47 -6.96
CA PRO B 18 -8.59 63.39 -6.61
C PRO B 18 -9.53 63.10 -7.78
N ASP B 19 -9.30 63.69 -8.95
CA ASP B 19 -10.20 63.51 -10.09
C ASP B 19 -10.15 62.10 -10.69
N GLU B 20 -9.09 61.36 -10.39
CA GLU B 20 -8.99 60.01 -10.95
C GLU B 20 -9.20 58.91 -9.91
N ALA B 21 -9.23 59.29 -8.63
CA ALA B 21 -9.32 58.33 -7.53
C ALA B 21 -10.49 57.35 -7.65
N LEU B 22 -11.70 57.86 -7.91
CA LEU B 22 -12.90 57.02 -7.92
C LEU B 22 -12.86 55.93 -9.02
N ALA B 23 -12.39 56.31 -10.20
CA ALA B 23 -12.35 55.39 -11.34
C ALA B 23 -11.33 54.29 -11.14
N HIS B 24 -10.13 54.65 -10.69
CA HIS B 24 -9.07 53.68 -10.50
C HIS B 24 -9.36 52.72 -9.32
N VAL B 25 -9.97 53.26 -8.28
CA VAL B 25 -10.34 52.43 -7.14
C VAL B 25 -11.46 51.49 -7.56
N GLY B 26 -12.42 52.00 -8.33
CA GLY B 26 -13.52 51.16 -8.83
C GLY B 26 -13.00 50.04 -9.70
N ALA B 27 -11.96 50.34 -10.48
CA ALA B 27 -11.31 49.31 -11.29
C ALA B 27 -10.76 48.18 -10.43
N VAL B 28 -9.94 48.52 -9.43
CA VAL B 28 -9.28 47.48 -8.63
C VAL B 28 -10.31 46.64 -7.86
N ILE B 29 -11.33 47.30 -7.32
CA ILE B 29 -12.37 46.61 -6.55
C ILE B 29 -13.16 45.68 -7.46
N ASP B 30 -13.53 46.17 -8.64
CA ASP B 30 -14.26 45.36 -9.62
C ASP B 30 -13.53 44.09 -10.04
N ALA B 31 -12.21 44.14 -9.97
CA ALA B 31 -11.35 43.03 -10.38
C ALA B 31 -11.14 42.00 -9.26
N GLY B 32 -11.39 42.42 -8.02
CA GLY B 32 -11.41 41.50 -6.89
C GLY B 32 -10.72 41.99 -5.62
N PHE B 33 -10.08 43.15 -5.69
CA PHE B 33 -9.40 43.70 -4.52
C PHE B 33 -10.43 44.11 -3.47
N ASP B 34 -10.07 43.92 -2.20
CA ASP B 34 -10.88 44.48 -1.11
C ASP B 34 -10.00 45.13 -0.03
N ALA B 35 -8.82 45.59 -0.44
CA ALA B 35 -8.06 46.54 0.35
C ALA B 35 -7.31 47.48 -0.59
N VAL B 36 -7.44 48.78 -0.28
CA VAL B 36 -6.92 49.85 -1.11
C VAL B 36 -6.41 50.91 -0.16
N GLU B 37 -5.29 51.52 -0.53
CA GLU B 37 -4.76 52.63 0.23
C GLU B 37 -4.14 53.67 -0.70
N ILE B 38 -4.21 54.92 -0.27
CA ILE B 38 -3.61 56.04 -0.98
C ILE B 38 -2.50 56.59 -0.08
N PRO B 39 -1.23 56.53 -0.54
CA PRO B 39 -0.13 57.15 0.19
C PRO B 39 -0.28 58.65 0.39
N LEU B 40 0.16 59.13 1.55
CA LEU B 40 0.02 60.54 1.92
C LEU B 40 0.99 61.43 1.17
N ASN B 41 1.91 60.85 0.41
CA ASN B 41 2.69 61.67 -0.53
C ASN B 41 2.05 61.76 -1.93
N SER B 42 0.78 61.36 -2.02
CA SER B 42 -0.06 61.62 -3.21
C SER B 42 -0.65 63.03 -3.16
N PRO B 43 -0.77 63.70 -4.32
CA PRO B 43 -1.28 65.07 -4.29
C PRO B 43 -2.75 65.18 -3.85
N GLN B 44 -3.01 66.09 -2.93
CA GLN B 44 -4.37 66.33 -2.42
C GLN B 44 -5.05 65.05 -1.90
N TRP B 45 -4.29 64.27 -1.15
CA TRP B 45 -4.81 63.04 -0.55
C TRP B 45 -6.01 63.29 0.38
N GLU B 46 -6.07 64.47 0.99
CA GLU B 46 -7.17 64.78 1.91
C GLU B 46 -8.48 65.08 1.16
N GLN B 47 -8.40 65.09 -0.17
CA GLN B 47 -9.59 65.09 -1.03
C GLN B 47 -9.92 63.67 -1.50
N SER B 48 -8.90 62.96 -1.95
CA SER B 48 -9.10 61.62 -2.53
C SER B 48 -9.58 60.61 -1.50
N ILE B 49 -8.94 60.58 -0.34
CA ILE B 49 -9.23 59.56 0.67
C ILE B 49 -10.69 59.60 1.18
N PRO B 50 -11.14 60.76 1.71
CA PRO B 50 -12.55 60.76 2.16
C PRO B 50 -13.55 60.43 1.05
N ALA B 51 -13.23 60.80 -0.20
CA ALA B 51 -14.07 60.45 -1.35
C ALA B 51 -14.21 58.93 -1.53
N ILE B 52 -13.10 58.22 -1.37
CA ILE B 52 -13.06 56.78 -1.64
C ILE B 52 -13.66 56.00 -0.48
N VAL B 53 -13.47 56.51 0.73
CA VAL B 53 -14.17 55.99 1.91
C VAL B 53 -15.67 56.04 1.70
N ASP B 54 -16.14 57.11 1.11
CA ASP B 54 -17.57 57.31 0.98
C ASP B 54 -18.17 56.49 -0.16
N ALA B 55 -17.45 56.41 -1.28
CA ALA B 55 -17.90 55.61 -2.42
C ALA B 55 -17.70 54.10 -2.20
N TYR B 56 -16.61 53.72 -1.53
CA TYR B 56 -16.19 52.32 -1.50
C TYR B 56 -15.96 51.73 -0.10
N GLY B 57 -16.05 52.54 0.94
CA GLY B 57 -15.76 52.11 2.32
C GLY B 57 -16.50 50.88 2.82
N ASP B 58 -17.66 50.63 2.21
CA ASP B 58 -18.50 49.48 2.52
C ASP B 58 -18.33 48.35 1.51
N LYS B 59 -17.42 48.51 0.56
CA LYS B 59 -17.14 47.49 -0.43
C LYS B 59 -15.70 46.96 -0.29
N ALA B 60 -14.83 47.71 0.40
CA ALA B 60 -13.40 47.35 0.53
C ALA B 60 -12.78 48.01 1.76
N LEU B 61 -11.66 47.44 2.21
CA LEU B 61 -10.90 48.05 3.29
C LEU B 61 -10.17 49.26 2.73
N ILE B 62 -10.61 50.45 3.14
CA ILE B 62 -10.08 51.69 2.57
C ILE B 62 -9.16 52.38 3.56
N GLY B 63 -8.00 52.82 3.08
CA GLY B 63 -7.10 53.57 3.94
C GLY B 63 -5.97 54.31 3.28
N ALA B 64 -4.91 54.51 4.06
CA ALA B 64 -3.84 55.41 3.65
C ALA B 64 -2.49 54.76 3.86
N GLY B 65 -1.51 55.21 3.07
CA GLY B 65 -0.14 54.74 3.20
C GLY B 65 0.79 55.87 3.52
N THR B 66 2.06 55.53 3.73
CA THR B 66 3.11 56.52 4.03
C THR B 66 2.67 57.46 5.16
N VAL B 67 2.10 56.85 6.20
CA VAL B 67 1.59 57.55 7.37
C VAL B 67 2.72 57.64 8.39
N LEU B 68 3.26 58.86 8.55
CA LEU B 68 4.54 59.07 9.26
C LEU B 68 4.40 59.82 10.57
N LYS B 69 3.27 60.47 10.78
CA LYS B 69 3.06 61.31 11.96
C LYS B 69 1.76 60.97 12.69
N PRO B 70 1.80 60.90 14.04
CA PRO B 70 0.60 60.65 14.83
C PRO B 70 -0.59 61.51 14.42
N GLU B 71 -0.37 62.80 14.20
CA GLU B 71 -1.44 63.75 13.80
C GLU B 71 -2.11 63.44 12.47
N GLN B 72 -1.43 62.71 11.60
CA GLN B 72 -2.03 62.25 10.35
C GLN B 72 -3.07 61.16 10.61
N VAL B 73 -2.73 60.25 11.52
CA VAL B 73 -3.66 59.22 11.98
C VAL B 73 -4.98 59.84 12.48
N ASP B 74 -4.88 60.87 13.32
CA ASP B 74 -6.05 61.60 13.81
C ASP B 74 -6.91 62.14 12.66
N ALA B 75 -6.27 62.80 11.70
CA ALA B 75 -6.98 63.37 10.56
C ALA B 75 -7.64 62.28 9.73
N LEU B 76 -6.95 61.15 9.56
CA LEU B 76 -7.43 60.04 8.73
C LEU B 76 -8.60 59.32 9.36
N ALA B 77 -8.58 59.20 10.68
CA ALA B 77 -9.70 58.64 11.46
C ALA B 77 -10.98 59.41 11.20
N ARG B 78 -10.88 60.73 11.32
CA ARG B 78 -12.01 61.61 11.05
C ARG B 78 -12.53 61.43 9.62
N MET B 79 -11.62 61.26 8.66
CA MET B 79 -11.99 60.98 7.26
C MET B 79 -12.66 59.61 7.04
N GLY B 80 -12.64 58.73 8.05
CA GLY B 80 -13.22 57.39 7.93
C GLY B 80 -12.27 56.34 7.36
N CYS B 81 -10.97 56.59 7.47
CA CYS B 81 -9.93 55.62 7.12
C CYS B 81 -10.07 54.38 8.00
N GLN B 82 -9.95 53.19 7.43
CA GLN B 82 -10.09 51.94 8.19
C GLN B 82 -8.74 51.22 8.27
N LEU B 83 -7.82 51.70 7.44
CA LEU B 83 -6.55 51.03 7.23
C LEU B 83 -5.37 52.00 7.22
N ILE B 84 -4.35 51.70 8.01
CA ILE B 84 -3.13 52.50 8.07
C ILE B 84 -1.95 51.61 7.62
N VAL B 85 -1.28 52.02 6.54
CA VAL B 85 -0.06 51.38 6.04
C VAL B 85 1.08 52.39 6.14
N THR B 86 2.27 51.91 6.51
CA THR B 86 3.44 52.75 6.71
C THR B 86 4.67 52.14 6.03
N PRO B 87 5.68 52.96 5.73
CA PRO B 87 6.94 52.39 5.27
C PRO B 87 7.88 52.02 6.42
N ASN B 88 7.56 52.50 7.61
CA ASN B 88 8.46 52.37 8.75
C ASN B 88 7.72 52.01 10.04
N ILE B 89 8.48 51.63 11.06
CA ILE B 89 7.91 51.40 12.38
C ILE B 89 8.08 52.63 13.27
N HIS B 90 6.95 53.21 13.65
CA HIS B 90 6.90 54.37 14.52
C HIS B 90 5.82 54.03 15.55
N SER B 91 6.25 53.75 16.77
CA SER B 91 5.39 53.11 17.78
C SER B 91 4.07 53.85 18.07
N GLU B 92 4.12 55.18 18.14
CA GLU B 92 2.92 55.97 18.45
C GLU B 92 1.95 56.07 17.28
N VAL B 93 2.49 56.02 16.07
CA VAL B 93 1.62 55.93 14.90
C VAL B 93 0.81 54.63 15.01
N ILE B 94 1.50 53.52 15.24
CA ILE B 94 0.84 52.24 15.33
C ILE B 94 -0.14 52.23 16.50
N ARG B 95 0.31 52.67 17.67
CA ARG B 95 -0.54 52.66 18.85
C ARG B 95 -1.78 53.53 18.64
N ARG B 96 -1.59 54.70 18.02
CA ARG B 96 -2.69 55.62 17.79
C ARG B 96 -3.70 55.02 16.82
N ALA B 97 -3.21 54.48 15.70
CA ALA B 97 -4.11 53.85 14.72
C ALA B 97 -4.87 52.66 15.32
N VAL B 98 -4.17 51.82 16.06
CA VAL B 98 -4.81 50.72 16.80
C VAL B 98 -5.88 51.29 17.74
N GLY B 99 -5.54 52.39 18.41
CA GLY B 99 -6.46 53.06 19.33
C GLY B 99 -7.78 53.53 18.72
N TYR B 100 -7.80 53.68 17.39
CA TYR B 100 -9.03 54.02 16.68
C TYR B 100 -9.79 52.80 16.17
N GLY B 101 -9.28 51.61 16.48
CA GLY B 101 -9.82 50.35 15.93
C GLY B 101 -9.54 50.15 14.45
N MET B 102 -8.57 50.90 13.92
CA MET B 102 -8.18 50.76 12.52
C MET B 102 -7.25 49.58 12.36
N THR B 103 -7.25 49.01 11.17
CA THR B 103 -6.31 47.97 10.81
C THR B 103 -4.98 48.62 10.45
N VAL B 104 -3.90 48.18 11.11
CA VAL B 104 -2.57 48.74 10.85
C VAL B 104 -1.71 47.65 10.24
N CYS B 105 -1.01 48.00 9.16
CA CYS B 105 -0.01 47.12 8.56
C CYS B 105 1.26 47.93 8.36
N PRO B 106 2.05 48.05 9.44
CA PRO B 106 3.23 48.89 9.36
C PRO B 106 4.45 48.18 8.75
N GLY B 107 5.37 48.98 8.21
CA GLY B 107 6.52 48.49 7.46
C GLY B 107 7.79 48.39 8.27
N CYS B 108 8.39 47.21 8.24
CA CYS B 108 9.64 46.92 8.93
C CYS B 108 10.55 46.19 7.96
N ALA B 109 11.82 46.08 8.30
CA ALA B 109 12.76 45.43 7.42
C ALA B 109 13.70 44.46 8.14
N THR B 110 13.65 44.47 9.47
CA THR B 110 14.51 43.63 10.29
C THR B 110 13.69 42.95 11.39
N ALA B 111 14.26 41.90 11.97
CA ALA B 111 13.64 41.23 13.10
C ALA B 111 13.32 42.23 14.23
N THR B 112 14.33 43.01 14.61
CA THR B 112 14.21 43.96 15.72
C THR B 112 13.02 44.91 15.49
N GLU B 113 12.94 45.45 14.29
CA GLU B 113 11.85 46.35 13.92
C GLU B 113 10.50 45.65 13.94
N ALA B 114 10.43 44.39 13.53
CA ALA B 114 9.16 43.65 13.55
C ALA B 114 8.61 43.51 14.98
N PHE B 115 9.48 43.15 15.92
CA PHE B 115 9.06 42.97 17.30
C PHE B 115 8.69 44.27 18.01
N THR B 116 9.32 45.37 17.59
CA THR B 116 8.88 46.67 18.03
C THR B 116 7.46 46.97 17.56
N ALA B 117 7.15 46.61 16.31
CA ALA B 117 5.83 46.89 15.75
C ALA B 117 4.76 46.05 16.45
N LEU B 118 5.07 44.80 16.73
CA LEU B 118 4.16 43.95 17.48
C LEU B 118 3.88 44.51 18.88
N GLU B 119 4.91 45.01 19.54
CA GLU B 119 4.77 45.59 20.89
C GLU B 119 3.95 46.87 20.90
N ALA B 120 3.85 47.51 19.74
CA ALA B 120 3.02 48.69 19.57
C ALA B 120 1.56 48.30 19.24
N GLY B 121 1.32 47.01 19.09
CA GLY B 121 -0.03 46.47 18.87
C GLY B 121 -0.35 46.04 17.45
N ALA B 122 0.63 46.11 16.55
CA ALA B 122 0.42 45.66 15.18
C ALA B 122 0.02 44.17 15.12
N GLN B 123 -0.97 43.89 14.28
CA GLN B 123 -1.54 42.54 14.15
C GLN B 123 -1.09 41.92 12.83
N ALA B 124 -0.45 42.74 12.01
CA ALA B 124 0.03 42.37 10.69
C ALA B 124 1.33 43.13 10.43
N LEU B 125 2.19 42.61 9.55
CA LEU B 125 3.45 43.29 9.21
C LEU B 125 3.66 43.42 7.71
N LYS B 126 4.24 44.55 7.30
CA LYS B 126 4.64 44.78 5.93
C LYS B 126 6.15 44.66 5.91
N ILE B 127 6.70 43.82 5.05
CA ILE B 127 8.16 43.79 4.89
C ILE B 127 8.47 44.69 3.69
N PHE B 128 9.17 45.79 3.97
CA PHE B 128 9.41 46.76 2.94
C PHE B 128 10.84 47.30 2.95
N PRO B 129 11.48 47.33 1.76
CA PRO B 129 11.08 46.72 0.49
C PRO B 129 11.49 45.24 0.41
N SER B 130 10.54 44.38 0.09
CA SER B 130 10.77 42.92 0.10
C SER B 130 11.76 42.44 -0.96
N SER B 131 11.82 43.18 -2.07
CA SER B 131 12.62 42.80 -3.26
C SER B 131 14.11 42.62 -2.99
N ALA B 132 14.65 43.48 -2.13
CA ALA B 132 16.06 43.43 -1.75
C ALA B 132 16.34 42.16 -0.95
N PHE B 133 15.38 41.75 -0.14
CA PHE B 133 15.57 40.63 0.79
C PHE B 133 15.23 39.29 0.16
N GLY B 134 14.09 39.22 -0.52
CA GLY B 134 13.64 38.00 -1.15
C GLY B 134 12.70 37.17 -0.27
N PRO B 135 12.01 36.19 -0.89
CA PRO B 135 11.06 35.33 -0.20
C PRO B 135 11.68 34.62 1.01
N GLN B 136 12.93 34.21 0.87
CA GLN B 136 13.65 33.47 1.92
C GLN B 136 13.82 34.30 3.19
N TYR B 137 13.91 35.61 3.03
CA TYR B 137 14.03 36.51 4.17
C TYR B 137 12.80 36.37 5.06
N ILE B 138 11.63 36.44 4.44
CA ILE B 138 10.35 36.30 5.13
C ILE B 138 10.25 34.91 5.78
N LYS B 139 10.60 33.86 5.03
CA LYS B 139 10.62 32.50 5.57
C LYS B 139 11.47 32.45 6.84
N ALA B 140 12.62 33.12 6.81
CA ALA B 140 13.49 33.18 7.99
C ALA B 140 12.84 33.99 9.11
N LEU B 141 12.14 35.07 8.77
CA LEU B 141 11.50 35.87 9.81
C LEU B 141 10.33 35.11 10.43
N LYS B 142 9.59 34.38 9.60
CA LYS B 142 8.46 33.59 10.06
C LYS B 142 8.84 32.48 11.04
N ALA B 143 10.11 32.10 11.08
CA ALA B 143 10.54 31.09 12.04
C ALA B 143 10.64 31.66 13.46
N VAL B 144 10.69 32.99 13.58
CA VAL B 144 10.70 33.63 14.91
C VAL B 144 9.42 34.42 15.26
N LEU B 145 8.66 34.87 14.26
CA LEU B 145 7.42 35.62 14.49
C LEU B 145 6.33 34.72 15.08
N PRO B 146 5.44 35.30 15.91
CA PRO B 146 4.27 34.56 16.40
C PRO B 146 3.48 34.01 15.24
N SER B 147 2.94 32.81 15.38
CA SER B 147 2.29 32.08 14.28
C SER B 147 1.17 32.85 13.56
N ASP B 148 0.39 33.62 14.32
CA ASP B 148 -0.81 34.29 13.80
C ASP B 148 -0.58 35.70 13.25
N ILE B 149 0.68 36.11 13.15
CA ILE B 149 0.97 37.41 12.57
C ILE B 149 1.03 37.27 11.04
N ALA B 150 0.19 38.03 10.37
CA ALA B 150 0.14 38.04 8.90
C ALA B 150 1.24 38.92 8.33
N VAL B 151 2.04 38.34 7.44
CA VAL B 151 3.13 39.08 6.82
C VAL B 151 2.85 39.38 5.34
N PHE B 152 3.02 40.65 5.00
CA PHE B 152 2.75 41.14 3.65
C PHE B 152 4.04 41.57 2.98
N ALA B 153 4.34 40.97 1.83
CA ALA B 153 5.45 41.43 0.99
C ALA B 153 5.03 42.73 0.27
N VAL B 154 5.87 43.76 0.35
CA VAL B 154 5.66 44.99 -0.39
C VAL B 154 7.00 45.46 -0.93
N GLY B 155 7.06 45.63 -2.25
CA GLY B 155 8.26 46.15 -2.91
C GLY B 155 8.75 45.14 -3.93
N GLY B 156 8.56 45.47 -5.21
CA GLY B 156 8.95 44.59 -6.31
C GLY B 156 8.22 43.25 -6.39
N VAL B 157 6.96 43.24 -5.97
CA VAL B 157 6.07 42.08 -6.14
C VAL B 157 5.32 42.21 -7.47
N THR B 158 5.36 41.13 -8.26
CA THR B 158 4.75 41.08 -9.59
C THR B 158 3.78 39.91 -9.67
N PRO B 159 2.86 39.93 -10.67
CA PRO B 159 1.92 38.81 -10.80
C PRO B 159 2.68 37.51 -11.08
N GLU B 160 3.90 37.66 -11.61
CA GLU B 160 4.73 36.51 -11.94
C GLU B 160 5.42 35.92 -10.71
N ASN B 161 5.88 36.77 -9.80
CA ASN B 161 6.60 36.29 -8.60
C ASN B 161 5.74 36.16 -7.34
N LEU B 162 4.49 36.60 -7.42
CA LEU B 162 3.57 36.56 -6.28
C LEU B 162 3.55 35.18 -5.64
N ALA B 163 3.50 34.14 -6.48
CA ALA B 163 3.51 32.76 -6.02
C ALA B 163 4.62 32.52 -4.99
N GLN B 164 5.83 33.01 -5.28
CA GLN B 164 6.99 32.72 -4.43
C GLN B 164 6.92 33.40 -3.08
N TRP B 165 6.23 34.53 -3.00
CA TRP B 165 6.01 35.23 -1.73
C TRP B 165 5.00 34.46 -0.87
N ILE B 166 3.93 34.00 -1.50
CA ILE B 166 2.90 33.22 -0.82
C ILE B 166 3.48 31.88 -0.32
N ASP B 167 4.33 31.26 -1.13
CA ASP B 167 5.02 29.99 -0.79
C ASP B 167 5.94 30.18 0.42
N ALA B 168 6.63 31.32 0.45
CA ALA B 168 7.56 31.67 1.52
C ALA B 168 6.89 31.94 2.86
N GLY B 169 5.58 32.20 2.85
CA GLY B 169 4.82 32.36 4.09
C GLY B 169 4.08 33.67 4.22
N CYS B 170 4.12 34.49 3.17
CA CYS B 170 3.36 35.74 3.15
C CYS B 170 1.88 35.45 3.14
N ALA B 171 1.12 36.14 3.98
CA ALA B 171 -0.33 36.04 3.96
C ALA B 171 -0.88 36.77 2.74
N GLY B 172 -0.14 37.79 2.29
CA GLY B 172 -0.49 38.53 1.09
C GLY B 172 0.55 39.56 0.66
N ALA B 173 0.14 40.52 -0.16
CA ALA B 173 1.08 41.51 -0.68
C ALA B 173 0.44 42.87 -0.91
N GLY B 174 1.25 43.90 -0.73
CA GLY B 174 0.89 45.25 -1.11
C GLY B 174 1.53 45.55 -2.44
N LEU B 175 0.74 46.02 -3.39
CA LEU B 175 1.21 46.24 -4.75
C LEU B 175 1.17 47.71 -5.15
N GLY B 176 2.33 48.25 -5.50
CA GLY B 176 2.47 49.67 -5.78
C GLY B 176 2.66 49.93 -7.26
N SER B 177 3.87 50.33 -7.62
CA SER B 177 4.21 50.72 -9.00
C SER B 177 3.87 49.68 -10.06
N ASP B 178 3.86 48.41 -9.69
CA ASP B 178 3.60 47.32 -10.63
C ASP B 178 2.10 47.19 -10.91
N LEU B 179 1.31 47.80 -10.04
CA LEU B 179 -0.13 47.87 -10.21
C LEU B 179 -0.58 49.24 -10.71
N TYR B 180 -0.09 50.30 -10.06
CA TYR B 180 -0.44 51.67 -10.43
C TYR B 180 0.79 52.56 -10.35
N ARG B 181 1.06 53.23 -11.46
CA ARG B 181 2.00 54.34 -11.50
C ARG B 181 1.22 55.62 -11.87
N ALA B 182 1.56 56.73 -11.22
CA ALA B 182 0.84 58.00 -11.41
C ALA B 182 0.75 58.38 -12.88
N GLY B 183 -0.48 58.47 -13.39
CA GLY B 183 -0.71 58.90 -14.76
C GLY B 183 -1.00 57.80 -15.78
N GLN B 184 -1.05 56.55 -15.33
CA GLN B 184 -1.48 55.45 -16.19
C GLN B 184 -3.01 55.46 -16.36
N SER B 185 -3.51 54.80 -17.39
CA SER B 185 -4.93 54.77 -17.70
C SER B 185 -5.70 53.88 -16.72
N VAL B 186 -7.00 54.16 -16.57
CA VAL B 186 -7.93 53.31 -15.80
C VAL B 186 -7.92 51.88 -16.37
N GLU B 187 -7.78 51.77 -17.69
CA GLU B 187 -7.72 50.47 -18.33
C GLU B 187 -6.48 49.68 -17.90
N ARG B 188 -5.34 50.37 -17.73
CA ARG B 188 -4.13 49.72 -17.23
C ARG B 188 -4.29 49.22 -15.78
N THR B 189 -4.98 50.00 -14.97
CA THR B 189 -5.27 49.63 -13.58
C THR B 189 -6.14 48.37 -13.52
N ALA B 190 -7.18 48.32 -14.36
CA ALA B 190 -8.04 47.13 -14.43
C ALA B 190 -7.28 45.90 -14.94
N GLN B 191 -6.35 46.11 -15.88
CA GLN B 191 -5.49 45.04 -16.42
C GLN B 191 -4.54 44.48 -15.37
N GLN B 192 -3.79 45.36 -14.71
CA GLN B 192 -2.83 44.89 -13.70
C GLN B 192 -3.55 44.24 -12.50
N ALA B 193 -4.69 44.80 -12.10
CA ALA B 193 -5.45 44.27 -10.95
C ALA B 193 -6.02 42.89 -11.26
N ALA B 194 -6.50 42.72 -12.49
CA ALA B 194 -6.94 41.41 -12.99
C ALA B 194 -5.78 40.40 -12.95
N ALA B 195 -4.60 40.83 -13.40
CA ALA B 195 -3.41 39.96 -13.40
C ALA B 195 -3.03 39.48 -12.00
N PHE B 196 -3.03 40.41 -11.04
CA PHE B 196 -2.67 40.06 -9.66
C PHE B 196 -3.70 39.13 -8.99
N VAL B 197 -4.99 39.40 -9.21
CA VAL B 197 -6.05 38.55 -8.66
C VAL B 197 -5.94 37.12 -9.23
N LYS B 198 -5.72 37.05 -10.55
CA LYS B 198 -5.51 35.78 -11.25
C LYS B 198 -4.29 35.04 -10.69
N ALA B 199 -3.17 35.75 -10.60
CA ALA B 199 -1.93 35.20 -10.05
C ALA B 199 -2.09 34.70 -8.62
N TYR B 200 -2.81 35.46 -7.78
CA TYR B 200 -3.08 35.03 -6.40
C TYR B 200 -3.92 33.77 -6.34
N ARG B 201 -5.06 33.82 -7.02
CA ARG B 201 -6.03 32.73 -7.06
C ARG B 201 -5.48 31.51 -7.79
N GLU B 202 -4.79 31.73 -8.90
CA GLU B 202 -4.12 30.62 -9.56
C GLU B 202 -3.00 30.09 -8.68
N ALA B 203 -2.20 31.01 -8.16
CA ALA B 203 -1.08 30.64 -7.30
C ALA B 203 -1.57 30.02 -6.00
N GLN B 204 -2.62 30.59 -5.43
CA GLN B 204 -3.20 30.08 -4.20
C GLN B 204 -3.75 28.69 -4.46
N LYS B 205 -4.37 28.52 -5.61
CA LYS B 205 -4.96 27.25 -5.98
C LYS B 205 -3.86 26.21 -6.10
N GLN B 206 -2.74 26.61 -6.72
CA GLN B 206 -1.61 25.71 -6.89
C GLN B 206 -1.09 25.29 -5.52
N LYS B 207 -1.00 26.25 -4.61
CA LYS B 207 -0.50 25.96 -3.28
C LYS B 207 -1.43 24.98 -2.57
N GLU B 208 -2.73 25.19 -2.71
CA GLU B 208 -3.71 24.31 -2.08
C GLU B 208 -3.60 22.91 -2.65
N GLN B 209 -3.41 22.83 -3.97
CA GLN B 209 -3.28 21.54 -4.63
C GLN B 209 -2.04 20.84 -4.11
N ARG B 210 -0.96 21.59 -3.94
CA ARG B 210 0.28 21.03 -3.44
C ARG B 210 0.07 20.50 -2.03
N GLN B 211 -0.66 21.24 -1.20
CA GLN B 211 -0.94 20.81 0.16
C GLN B 211 -1.75 19.52 0.15
N ASP B 212 -2.75 19.45 -0.73
CA ASP B 212 -3.59 18.26 -0.85
C ASP B 212 -2.72 17.08 -1.24
N GLN B 213 -1.82 17.32 -2.18
CA GLN B 213 -0.94 16.28 -2.68
C GLN B 213 -0.07 15.77 -1.56
N LYS B 214 0.45 16.69 -0.76
CA LYS B 214 1.32 16.32 0.34
C LYS B 214 0.55 15.49 1.36
N SER B 215 -0.69 15.89 1.63
CA SER B 215 -1.52 15.18 2.58
C SER B 215 -1.79 13.75 2.09
N ALA B 216 -2.06 13.61 0.79
CA ALA B 216 -2.27 12.29 0.20
C ALA B 216 -1.04 11.45 0.32
N TYR B 217 0.09 12.11 0.05
CA TYR B 217 1.37 11.47 -0.16
C TYR B 217 1.88 10.73 1.07
N ALA B 218 1.73 11.29 2.26
CA ALA B 218 2.29 10.62 3.43
C ALA B 218 1.54 9.33 3.79
N LEU B 219 0.21 9.43 3.81
CA LEU B 219 -0.70 8.32 3.94
C LEU B 219 -0.08 7.01 3.48
N GLY B 220 0.54 7.07 2.30
CA GLY B 220 1.18 5.89 1.75
C GLY B 220 2.33 5.43 2.62
N ALA B 221 3.14 6.39 3.03
CA ALA B 221 4.30 6.09 3.79
C ALA B 221 3.88 5.36 5.03
N SER B 222 2.81 5.81 5.68
CA SER B 222 2.46 5.22 6.97
C SER B 222 1.96 3.81 6.75
N LEU B 223 1.29 3.59 5.64
CA LEU B 223 0.86 2.26 5.36
C LEU B 223 2.03 1.37 4.93
N GLY B 224 2.95 1.92 4.14
CA GLY B 224 4.16 1.19 3.75
C GLY B 224 4.96 0.77 4.97
N ARG B 225 5.08 1.65 5.96
CA ARG B 225 5.81 1.29 7.15
C ARG B 225 5.04 0.23 7.90
N TYR B 226 3.73 0.37 7.94
CA TYR B 226 2.90 -0.58 8.64
C TYR B 226 3.18 -1.97 8.10
N MET B 227 3.20 -2.09 6.79
CA MET B 227 3.42 -3.38 6.17
C MET B 227 4.82 -3.88 6.43
N GLU B 228 5.79 -3.01 6.25
CA GLU B 228 7.16 -3.40 6.48
C GLU B 228 7.29 -4.00 7.86
N ASN B 229 6.70 -3.35 8.84
CA ASN B 229 6.79 -3.85 10.20
C ASN B 229 6.03 -5.13 10.45
N SER B 230 4.98 -5.38 9.68
CA SER B 230 4.20 -6.60 9.83
C SER B 230 4.96 -7.78 9.28
N LEU B 231 5.64 -7.53 8.17
CA LEU B 231 6.50 -8.51 7.56
C LEU B 231 7.57 -8.95 8.55
N LYS B 232 8.25 -8.00 9.16
CA LYS B 232 9.32 -8.33 10.12
C LYS B 232 8.74 -9.19 11.24
N GLU B 233 7.50 -8.92 11.64
CA GLU B 233 6.79 -9.74 12.62
C GLU B 233 6.57 -11.17 12.08
N GLN B 234 6.12 -11.25 10.83
CA GLN B 234 5.91 -12.53 10.19
C GLN B 234 7.23 -13.28 10.07
N GLU B 235 8.28 -12.60 9.62
CA GLU B 235 9.61 -13.23 9.51
C GLU B 235 10.04 -13.97 10.78
N LYS B 236 9.75 -13.39 11.95
CA LYS B 236 10.10 -14.03 13.22
C LYS B 236 9.25 -15.28 13.51
N LEU B 237 8.18 -15.50 12.75
CA LEU B 237 7.37 -16.69 12.88
C LEU B 237 7.71 -17.65 11.76
N GLY B 238 8.79 -17.36 11.05
CA GLY B 238 9.21 -18.18 9.92
C GLY B 238 8.43 -18.00 8.62
N ILE B 239 7.81 -16.83 8.43
CA ILE B 239 7.09 -16.54 7.18
C ILE B 239 7.74 -15.39 6.40
N LYS B 240 8.14 -15.65 5.16
CA LYS B 240 8.83 -14.65 4.35
C LYS B 240 8.07 -14.36 3.08
N LEU B 241 7.37 -13.24 3.05
CA LEU B 241 6.45 -12.93 1.97
C LEU B 241 7.14 -12.30 0.78
N ASP B 242 6.68 -12.66 -0.42
CA ASP B 242 7.27 -12.14 -1.64
C ASP B 242 6.87 -10.68 -1.67
N LYS B 243 7.88 -9.82 -1.69
CA LYS B 243 7.66 -8.39 -1.55
C LYS B 243 7.06 -7.74 -2.80
N ASP B 244 7.44 -8.20 -3.99
CA ASP B 244 6.93 -7.61 -5.23
C ASP B 244 5.45 -7.90 -5.38
N GLN B 245 5.03 -9.06 -4.90
CA GLN B 245 3.66 -9.45 -5.07
C GLN B 245 2.80 -8.58 -4.15
N LEU B 246 3.33 -8.30 -2.96
CA LEU B 246 2.60 -7.48 -2.02
C LEU B 246 2.31 -6.11 -2.63
N ILE B 247 3.32 -5.52 -3.25
CA ILE B 247 3.12 -4.24 -3.90
C ILE B 247 2.20 -4.38 -5.11
N ALA B 248 2.32 -5.50 -5.82
CA ALA B 248 1.49 -5.69 -7.00
C ALA B 248 0.01 -5.75 -6.61
N GLY B 249 -0.29 -6.35 -5.45
CA GLY B 249 -1.65 -6.39 -4.97
C GLY B 249 -2.18 -5.00 -4.67
N VAL B 250 -1.38 -4.22 -3.99
CA VAL B 250 -1.77 -2.86 -3.68
C VAL B 250 -2.06 -2.12 -4.97
N GLN B 251 -1.12 -2.15 -5.90
CA GLN B 251 -1.35 -1.44 -7.16
C GLN B 251 -2.60 -1.91 -7.93
N ASP B 252 -2.69 -3.22 -8.15
CA ASP B 252 -3.79 -3.75 -8.94
C ASP B 252 -5.14 -3.37 -8.36
N ALA B 253 -5.31 -3.54 -7.05
CA ALA B 253 -6.59 -3.27 -6.41
C ALA B 253 -6.95 -1.80 -6.47
N PHE B 254 -5.94 -0.97 -6.27
CA PHE B 254 -6.13 0.43 -6.31
C PHE B 254 -6.58 0.85 -7.69
N ALA B 255 -6.04 0.18 -8.71
CA ALA B 255 -6.40 0.43 -10.11
C ALA B 255 -7.63 -0.36 -10.59
N ASP B 256 -8.29 -1.07 -9.67
CA ASP B 256 -9.49 -1.86 -10.02
C ASP B 256 -9.19 -2.98 -11.00
N LYS B 257 -8.10 -3.68 -10.72
CA LYS B 257 -7.67 -4.78 -11.56
C LYS B 257 -7.01 -5.89 -10.76
N SER B 258 -7.46 -6.07 -9.52
CA SER B 258 -6.97 -7.13 -8.65
C SER B 258 -7.23 -8.46 -9.30
N LYS B 259 -6.26 -9.35 -9.25
CA LYS B 259 -6.41 -10.67 -9.84
C LYS B 259 -7.19 -11.55 -8.90
N LEU B 260 -7.43 -11.07 -7.68
CA LEU B 260 -8.27 -11.78 -6.75
C LEU B 260 -9.58 -11.01 -6.51
N SER B 261 -10.69 -11.75 -6.40
CA SER B 261 -11.98 -11.17 -5.98
C SER B 261 -11.94 -10.80 -4.52
N ASP B 262 -12.88 -9.95 -4.10
CA ASP B 262 -12.91 -9.52 -2.71
C ASP B 262 -13.13 -10.73 -1.83
N GLN B 263 -13.90 -11.69 -2.30
CA GLN B 263 -14.11 -12.87 -1.48
C GLN B 263 -12.81 -13.65 -1.34
N GLU B 264 -12.06 -13.73 -2.43
CA GLU B 264 -10.83 -14.50 -2.42
C GLU B 264 -9.86 -13.88 -1.44
N ILE B 265 -9.77 -12.55 -1.52
CA ILE B 265 -8.82 -11.82 -0.72
C ILE B 265 -9.12 -12.15 0.74
N GLU B 266 -10.40 -12.20 1.06
CA GLU B 266 -10.80 -12.37 2.43
C GLU B 266 -10.60 -13.79 2.93
N GLN B 267 -10.80 -14.76 2.06
CA GLN B 267 -10.60 -16.12 2.52
C GLN B 267 -9.11 -16.44 2.57
N THR B 268 -8.33 -15.86 1.66
CA THR B 268 -6.91 -16.01 1.72
C THR B 268 -6.32 -15.42 3.02
N LEU B 269 -6.76 -14.23 3.42
CA LEU B 269 -6.20 -13.66 4.63
C LEU B 269 -6.57 -14.55 5.81
N GLN B 270 -7.78 -15.05 5.85
CA GLN B 270 -8.16 -15.96 6.92
C GLN B 270 -7.25 -17.18 6.92
N ALA B 271 -6.95 -17.71 5.74
CA ALA B 271 -6.10 -18.88 5.68
C ALA B 271 -4.69 -18.51 6.13
N PHE B 272 -4.26 -17.29 5.81
CA PHE B 272 -2.93 -16.84 6.21
C PHE B 272 -2.86 -16.77 7.73
N GLU B 273 -3.95 -16.36 8.36
CA GLU B 273 -3.94 -16.33 9.81
C GLU B 273 -3.62 -17.70 10.33
N ALA B 274 -4.28 -18.69 9.75
CA ALA B 274 -4.08 -20.04 10.21
C ALA B 274 -2.63 -20.44 9.95
#